data_7RF0
#
_entry.id   7RF0
#
_cell.length_a   74.398
_cell.length_b   78.835
_cell.length_c   86.656
_cell.angle_alpha   90.00
_cell.angle_beta   90.00
_cell.angle_gamma   90.00
#
_symmetry.space_group_name_H-M   'P 21 21 21'
#
loop_
_entity.id
_entity.type
_entity.pdbx_description
1 polymer 'tRNA (guanine-N(1)-)-methyltransferase'
2 non-polymer S-ADENOSYL-L-HOMOCYSTEINE
3 non-polymer 'MAGNESIUM ION'
4 water water
#
_entity_poly.entity_id   1
_entity_poly.type   'polypeptide(L)'
_entity_poly.pdbx_seq_one_letter_code
;SMKIDVVTIFPEYLQPVRQSLPGKAIDAGLVDVAVHDLRRWTHDVHKSVDDSPYGGGPGMVMKPTVWGDALDEICTSETL
LVVPTPAGYPFTQETAWQWSTEDHLVIACGRYEGIDQRVADDAATRMRVREVSIGDYVLNGGEAAALVIIEAVLRLVPGV
LGNALSAQEDSHSEGMASLLEGPSYTRPPSWRGMDVPPVLLSGDHAKIAAWRAEQSRQRTIERRPDLLGFDSP
;
_entity_poly.pdbx_strand_id   A,B
#
loop_
_chem_comp.id
_chem_comp.type
_chem_comp.name
_chem_comp.formula
MG non-polymer 'MAGNESIUM ION' 'Mg 2'
#
# COMPACT_ATOMS: atom_id res chain seq x y z
N SER A 1 -19.60 -12.95 9.04
CA SER A 1 -19.49 -12.70 7.61
C SER A 1 -19.08 -11.25 7.31
N MET A 2 -18.18 -11.09 6.35
CA MET A 2 -17.86 -9.78 5.81
C MET A 2 -17.99 -9.79 4.29
N LYS A 3 -18.61 -8.76 3.76
CA LYS A 3 -18.70 -8.53 2.33
C LYS A 3 -17.86 -7.30 2.01
N ILE A 4 -16.98 -7.41 1.03
CA ILE A 4 -16.22 -6.27 0.53
C ILE A 4 -16.54 -6.12 -0.94
N ASP A 5 -17.04 -4.95 -1.33
CA ASP A 5 -17.24 -4.61 -2.72
C ASP A 5 -16.23 -3.54 -3.10
N VAL A 6 -15.50 -3.76 -4.19
CA VAL A 6 -14.54 -2.78 -4.69
C VAL A 6 -15.03 -2.27 -6.03
N VAL A 7 -15.04 -0.94 -6.20
CA VAL A 7 -15.49 -0.34 -7.47
C VAL A 7 -14.29 0.39 -8.08
N THR A 8 -14.00 0.07 -9.35
CA THR A 8 -12.75 0.48 -9.96
C THR A 8 -12.89 0.45 -11.47
N ILE A 9 -12.10 1.30 -12.15
CA ILE A 9 -12.02 1.18 -13.61
C ILE A 9 -10.99 0.14 -14.05
N PHE A 10 -10.27 -0.47 -13.11
CA PHE A 10 -9.30 -1.54 -13.40
C PHE A 10 -9.62 -2.77 -12.56
N PRO A 11 -10.74 -3.44 -12.83
CA PRO A 11 -11.13 -4.58 -11.99
C PRO A 11 -10.09 -5.69 -11.95
N GLU A 12 -9.30 -5.85 -13.01
CA GLU A 12 -8.31 -6.92 -13.00
C GLU A 12 -7.25 -6.71 -11.93
N TYR A 13 -7.02 -5.46 -11.50
CA TYR A 13 -6.04 -5.19 -10.45
C TYR A 13 -6.33 -5.99 -9.19
N LEU A 14 -7.61 -6.20 -8.87
CA LEU A 14 -7.98 -6.81 -7.59
C LEU A 14 -8.09 -8.33 -7.69
N GLN A 15 -7.89 -8.92 -8.87
CA GLN A 15 -8.23 -10.33 -9.04
C GLN A 15 -7.32 -11.26 -8.25
N PRO A 16 -6.00 -11.01 -8.19
CA PRO A 16 -5.16 -11.90 -7.37
C PRO A 16 -5.51 -11.92 -5.88
N VAL A 17 -5.83 -10.77 -5.28
CA VAL A 17 -6.24 -10.81 -3.88
C VAL A 17 -7.54 -11.58 -3.73
N ARG A 18 -8.43 -11.49 -4.73
CA ARG A 18 -9.67 -12.25 -4.67
C ARG A 18 -9.40 -13.75 -4.69
N GLN A 19 -8.50 -14.19 -5.58
CA GLN A 19 -8.20 -15.61 -5.67
C GLN A 19 -7.34 -16.10 -4.52
N SER A 20 -6.70 -15.19 -3.78
CA SER A 20 -5.89 -15.57 -2.62
C SER A 20 -6.73 -15.98 -1.42
N LEU A 21 -8.03 -15.73 -1.43
CA LEU A 21 -8.86 -16.05 -0.30
C LEU A 21 -8.99 -17.57 -0.20
N PRO A 22 -8.85 -18.16 0.99
CA PRO A 22 -8.99 -19.63 1.10
C PRO A 22 -10.42 -20.06 0.82
N GLY A 23 -10.56 -21.20 0.12
CA GLY A 23 -11.88 -21.70 -0.21
C GLY A 23 -12.72 -22.01 1.01
N LYS A 24 -12.08 -22.50 2.09
CA LYS A 24 -12.83 -22.83 3.29
C LYS A 24 -13.51 -21.61 3.89
N ALA A 25 -12.85 -20.45 3.83
CA ALA A 25 -13.46 -19.25 4.38
C ALA A 25 -14.64 -18.78 3.54
N ILE A 26 -14.51 -18.88 2.22
CA ILE A 26 -15.63 -18.50 1.34
C ILE A 26 -16.80 -19.43 1.54
N ASP A 27 -16.54 -20.74 1.57
CA ASP A 27 -17.61 -21.73 1.75
C ASP A 27 -18.30 -21.55 3.08
N ALA A 28 -17.53 -21.30 4.14
CA ALA A 28 -18.12 -20.99 5.44
C ALA A 28 -18.85 -19.65 5.46
N GLY A 29 -18.84 -18.90 4.35
CA GLY A 29 -19.49 -17.61 4.32
C GLY A 29 -18.83 -16.57 5.21
N LEU A 30 -17.54 -16.74 5.52
CA LEU A 30 -16.83 -15.80 6.37
C LEU A 30 -16.48 -14.52 5.63
N VAL A 31 -16.29 -14.62 4.31
CA VAL A 31 -15.79 -13.50 3.52
C VAL A 31 -16.30 -13.65 2.09
N ASP A 32 -16.59 -12.51 1.47
CA ASP A 32 -16.97 -12.43 0.06
C ASP A 32 -16.39 -11.12 -0.45
N VAL A 33 -15.50 -11.19 -1.44
CA VAL A 33 -14.93 -10.01 -2.08
C VAL A 33 -15.44 -9.98 -3.51
N ALA A 34 -16.09 -8.89 -3.89
CA ALA A 34 -16.61 -8.71 -5.23
C ALA A 34 -16.02 -7.43 -5.81
N VAL A 35 -15.70 -7.46 -7.10
CA VAL A 35 -15.07 -6.34 -7.79
C VAL A 35 -16.00 -5.90 -8.92
N HIS A 36 -16.20 -4.59 -9.04
CA HIS A 36 -17.14 -4.05 -10.02
C HIS A 36 -16.45 -3.03 -10.89
N ASP A 37 -16.66 -3.14 -12.21
CA ASP A 37 -16.15 -2.16 -13.14
C ASP A 37 -17.02 -0.91 -13.09
N LEU A 38 -16.43 0.23 -12.72
CA LEU A 38 -17.18 1.48 -12.63
C LEU A 38 -17.88 1.80 -13.95
N ARG A 39 -17.34 1.36 -15.07
CA ARG A 39 -17.96 1.73 -16.34
C ARG A 39 -19.35 1.11 -16.55
N ARG A 40 -19.74 0.12 -15.73
CA ARG A 40 -21.11 -0.38 -15.74
C ARG A 40 -22.14 0.74 -15.55
N TRP A 41 -21.75 1.80 -14.85
CA TRP A 41 -22.68 2.87 -14.49
C TRP A 41 -22.47 4.14 -15.30
N THR A 42 -21.70 4.08 -16.38
CA THR A 42 -21.60 5.25 -17.24
C THR A 42 -22.88 5.41 -18.08
N HIS A 43 -23.06 6.63 -18.62
CA HIS A 43 -24.30 7.02 -19.28
C HIS A 43 -24.19 7.11 -20.78
N ASP A 44 -22.98 7.18 -21.31
CA ASP A 44 -22.75 7.59 -22.68
C ASP A 44 -22.03 6.49 -23.44
N VAL A 45 -22.08 6.60 -24.78
CA VAL A 45 -21.49 5.56 -25.61
C VAL A 45 -19.98 5.49 -25.39
N HIS A 46 -19.35 6.59 -25.00
CA HIS A 46 -17.91 6.61 -24.75
C HIS A 46 -17.52 6.14 -23.35
N LYS A 47 -18.49 5.76 -22.52
CA LYS A 47 -18.23 5.24 -21.17
C LYS A 47 -17.35 6.17 -20.35
N SER A 48 -17.74 7.44 -20.30
CA SER A 48 -16.94 8.48 -19.67
C SER A 48 -17.03 8.42 -18.15
N VAL A 49 -15.88 8.39 -17.48
CA VAL A 49 -15.84 8.41 -16.02
C VAL A 49 -15.23 9.68 -15.45
N ASP A 50 -14.71 10.58 -16.28
CA ASP A 50 -14.03 11.76 -15.76
C ASP A 50 -14.35 12.97 -16.63
N ASP A 51 -14.04 14.14 -16.11
CA ASP A 51 -14.38 15.42 -16.73
C ASP A 51 -13.48 16.50 -16.15
N SER A 52 -13.47 17.65 -16.82
CA SER A 52 -12.54 18.72 -16.44
C SER A 52 -12.90 19.33 -15.09
N PRO A 53 -11.89 19.75 -14.32
CA PRO A 53 -12.15 20.31 -12.99
C PRO A 53 -12.72 21.72 -13.05
N TYR A 54 -13.75 21.97 -12.25
CA TYR A 54 -14.22 23.34 -12.08
C TYR A 54 -13.14 24.19 -11.40
N GLY A 55 -13.01 25.44 -11.84
CA GLY A 55 -11.97 26.30 -11.35
C GLY A 55 -10.65 26.16 -12.09
N GLY A 56 -10.56 25.20 -12.99
CA GLY A 56 -9.42 25.05 -13.86
C GLY A 56 -8.32 24.22 -13.24
N GLY A 57 -7.20 24.21 -13.93
CA GLY A 57 -6.02 23.53 -13.44
C GLY A 57 -5.83 22.20 -14.12
N PRO A 58 -4.82 21.46 -13.68
CA PRO A 58 -4.44 20.23 -14.35
C PRO A 58 -5.35 19.06 -13.97
N GLY A 59 -5.38 18.08 -14.85
CA GLY A 59 -5.98 16.81 -14.53
C GLY A 59 -7.46 16.73 -14.80
N MET A 60 -8.05 15.67 -14.28
CA MET A 60 -9.46 15.39 -14.50
C MET A 60 -10.05 14.96 -13.18
N VAL A 61 -11.37 15.07 -13.05
CA VAL A 61 -12.09 14.68 -11.84
C VAL A 61 -13.10 13.62 -12.21
N MET A 62 -13.23 12.58 -11.38
CA MET A 62 -14.25 11.57 -11.68
C MET A 62 -15.66 12.10 -11.44
N LYS A 63 -16.55 11.68 -12.33
CA LYS A 63 -17.90 12.28 -12.46
C LYS A 63 -18.81 11.88 -11.31
N PRO A 64 -19.55 12.82 -10.73
CA PRO A 64 -20.46 12.46 -9.64
C PRO A 64 -21.63 11.62 -10.10
N THR A 65 -22.16 11.85 -11.31
CA THR A 65 -23.34 11.09 -11.72
C THR A 65 -23.02 9.61 -11.88
N VAL A 66 -21.82 9.27 -12.35
CA VAL A 66 -21.46 7.86 -12.50
C VAL A 66 -21.29 7.22 -11.13
N TRP A 67 -20.48 7.84 -10.28
CA TRP A 67 -20.21 7.28 -8.95
C TRP A 67 -21.49 7.24 -8.13
N GLY A 68 -22.34 8.25 -8.25
CA GLY A 68 -23.57 8.24 -7.48
C GLY A 68 -24.47 7.09 -7.83
N ASP A 69 -24.58 6.77 -9.13
CA ASP A 69 -25.35 5.59 -9.53
C ASP A 69 -24.71 4.31 -9.02
N ALA A 70 -23.38 4.20 -9.10
CA ALA A 70 -22.70 3.00 -8.65
C ALA A 70 -22.93 2.76 -7.17
N LEU A 71 -22.76 3.80 -6.35
CA LEU A 71 -22.90 3.61 -4.92
C LEU A 71 -24.35 3.42 -4.52
N ASP A 72 -25.28 4.02 -5.26
CA ASP A 72 -26.70 3.78 -5.01
C ASP A 72 -27.01 2.30 -5.13
N GLU A 73 -26.41 1.63 -6.12
CA GLU A 73 -26.68 0.23 -6.34
C GLU A 73 -25.99 -0.65 -5.31
N ILE A 74 -24.73 -0.34 -4.99
CA ILE A 74 -23.89 -1.24 -4.22
C ILE A 74 -24.06 -1.03 -2.71
N CYS A 75 -24.22 0.20 -2.24
CA CYS A 75 -24.23 0.45 -0.81
C CYS A 75 -25.64 0.29 -0.23
N THR A 76 -25.66 0.02 1.08
CA THR A 76 -26.90 0.07 1.86
C THR A 76 -26.66 0.91 3.10
N SER A 77 -27.68 0.99 3.96
CA SER A 77 -27.54 1.77 5.19
C SER A 77 -26.45 1.22 6.10
N GLU A 78 -26.09 -0.06 5.97
CA GLU A 78 -25.11 -0.66 6.85
C GLU A 78 -23.68 -0.48 6.33
N THR A 79 -23.52 0.02 5.11
CA THR A 79 -22.21 0.10 4.47
C THR A 79 -21.29 1.10 5.14
N LEU A 80 -20.03 0.70 5.28
CA LEU A 80 -18.92 1.60 5.55
C LEU A 80 -18.25 1.87 4.22
N LEU A 81 -18.37 3.10 3.72
CA LEU A 81 -17.77 3.49 2.45
C LEU A 81 -16.36 3.99 2.68
N VAL A 82 -15.39 3.28 2.10
CA VAL A 82 -13.97 3.60 2.21
C VAL A 82 -13.55 4.32 0.93
N VAL A 83 -13.01 5.52 1.06
CA VAL A 83 -12.55 6.31 -0.09
C VAL A 83 -11.05 6.55 0.06
N PRO A 84 -10.21 5.77 -0.62
CA PRO A 84 -8.77 6.05 -0.57
C PRO A 84 -8.46 7.40 -1.19
N THR A 85 -7.62 8.17 -0.50
CA THR A 85 -7.19 9.47 -1.03
C THR A 85 -5.95 9.88 -0.28
N PRO A 86 -4.91 10.39 -0.95
CA PRO A 86 -3.75 10.91 -0.23
C PRO A 86 -4.09 12.08 0.67
N ALA A 87 -5.27 12.69 0.52
CA ALA A 87 -5.72 13.74 1.40
C ALA A 87 -6.60 13.22 2.54
N GLY A 88 -6.58 11.91 2.80
CA GLY A 88 -7.45 11.33 3.80
C GLY A 88 -6.84 11.34 5.19
N TYR A 89 -7.67 10.91 6.15
CA TYR A 89 -7.14 10.58 7.46
C TYR A 89 -6.22 9.37 7.35
N PRO A 90 -5.24 9.24 8.23
CA PRO A 90 -4.32 8.08 8.12
C PRO A 90 -5.04 6.77 8.39
N PHE A 91 -4.86 5.81 7.48
CA PHE A 91 -5.22 4.42 7.71
C PHE A 91 -4.13 3.80 8.57
N THR A 92 -4.51 3.25 9.73
CA THR A 92 -3.55 2.63 10.63
C THR A 92 -4.05 1.26 11.06
N GLN A 93 -3.20 0.57 11.82
CA GLN A 93 -3.60 -0.71 12.36
C GLN A 93 -4.86 -0.60 13.21
N GLU A 94 -5.03 0.52 13.93
CA GLU A 94 -6.25 0.71 14.71
C GLU A 94 -7.48 0.74 13.79
N THR A 95 -7.37 1.41 12.65
CA THR A 95 -8.46 1.40 11.67
C THR A 95 -8.75 -0.01 11.19
N ALA A 96 -7.71 -0.76 10.86
CA ALA A 96 -7.89 -2.11 10.34
C ALA A 96 -8.65 -2.97 11.33
N TRP A 97 -8.33 -2.84 12.62
CA TRP A 97 -9.06 -3.59 13.63
C TRP A 97 -10.52 -3.18 13.67
N GLN A 98 -10.79 -1.87 13.62
CA GLN A 98 -12.17 -1.40 13.65
C GLN A 98 -12.94 -1.96 12.47
N TRP A 99 -12.36 -1.89 11.27
CA TRP A 99 -13.09 -2.31 10.08
C TRP A 99 -13.21 -3.83 9.97
N SER A 100 -12.37 -4.60 10.69
CA SER A 100 -12.43 -6.05 10.57
C SER A 100 -13.72 -6.66 11.11
N THR A 101 -14.50 -5.90 11.89
CA THR A 101 -15.80 -6.39 12.36
C THR A 101 -16.96 -5.75 11.62
N GLU A 102 -16.71 -5.00 10.56
CA GLU A 102 -17.78 -4.45 9.76
C GLU A 102 -18.44 -5.54 8.92
N ASP A 103 -19.75 -5.41 8.71
CA ASP A 103 -20.46 -6.35 7.85
C ASP A 103 -20.25 -6.07 6.37
N HIS A 104 -20.04 -4.81 5.99
CA HIS A 104 -20.04 -4.44 4.58
C HIS A 104 -19.11 -3.26 4.36
N LEU A 105 -17.99 -3.50 3.68
CA LEU A 105 -17.09 -2.44 3.25
C LEU A 105 -17.25 -2.26 1.76
N VAL A 106 -17.37 -1.00 1.32
CA VAL A 106 -17.34 -0.68 -0.11
C VAL A 106 -16.16 0.25 -0.32
N ILE A 107 -15.25 -0.13 -1.22
CA ILE A 107 -14.05 0.66 -1.46
C ILE A 107 -14.17 1.31 -2.83
N ALA A 108 -14.22 2.64 -2.85
CA ALA A 108 -14.40 3.40 -4.09
C ALA A 108 -13.04 3.86 -4.57
N CYS A 109 -12.51 3.22 -5.61
CA CYS A 109 -11.15 3.49 -6.06
C CYS A 109 -11.12 4.65 -7.05
N GLY A 110 -10.44 5.73 -6.67
CA GLY A 110 -10.31 6.90 -7.51
C GLY A 110 -9.11 6.84 -8.43
N ARG A 111 -9.13 7.74 -9.40
CA ARG A 111 -8.05 7.93 -10.36
C ARG A 111 -8.03 9.41 -10.67
N TYR A 112 -7.01 9.86 -11.42
CA TYR A 112 -6.92 11.26 -11.87
C TYR A 112 -6.84 12.13 -10.61
N GLU A 113 -7.61 13.22 -10.50
CA GLU A 113 -7.58 14.07 -9.31
C GLU A 113 -8.54 13.60 -8.22
N GLY A 114 -9.11 12.41 -8.37
CA GLY A 114 -10.03 11.91 -7.37
C GLY A 114 -11.47 12.07 -7.80
N ILE A 115 -12.37 11.84 -6.84
CA ILE A 115 -13.80 11.79 -7.09
C ILE A 115 -14.40 13.13 -6.67
N ASP A 116 -15.30 13.67 -7.50
CA ASP A 116 -16.04 14.87 -7.15
C ASP A 116 -16.53 14.77 -5.70
N GLN A 117 -16.19 15.80 -4.91
CA GLN A 117 -16.42 15.74 -3.46
C GLN A 117 -17.89 15.53 -3.12
N ARG A 118 -18.83 15.89 -4.00
CA ARG A 118 -20.23 15.74 -3.63
C ARG A 118 -20.61 14.27 -3.50
N VAL A 119 -19.86 13.36 -4.12
CA VAL A 119 -20.20 11.94 -3.99
C VAL A 119 -20.07 11.51 -2.53
N ALA A 120 -18.92 11.82 -1.90
CA ALA A 120 -18.72 11.50 -0.50
C ALA A 120 -19.69 12.28 0.38
N ASP A 121 -19.89 13.57 0.08
CA ASP A 121 -20.79 14.39 0.90
C ASP A 121 -22.20 13.82 0.88
N ASP A 122 -22.70 13.48 -0.30
CA ASP A 122 -24.04 12.91 -0.42
C ASP A 122 -24.11 11.55 0.28
N ALA A 123 -23.12 10.69 0.04
CA ALA A 123 -23.16 9.37 0.64
C ALA A 123 -23.19 9.47 2.16
N ALA A 124 -22.49 10.48 2.70
CA ALA A 124 -22.38 10.61 4.15
C ALA A 124 -23.71 10.98 4.79
N THR A 125 -24.70 11.44 4.02
CA THR A 125 -26.01 11.70 4.59
C THR A 125 -26.84 10.44 4.79
N ARG A 126 -26.38 9.28 4.31
CA ARG A 126 -27.12 8.03 4.46
C ARG A 126 -26.28 6.84 4.89
N MET A 127 -24.97 6.98 5.02
CA MET A 127 -24.08 5.88 5.43
C MET A 127 -22.83 6.50 6.03
N ARG A 128 -21.98 5.65 6.59
CA ARG A 128 -20.71 6.11 7.12
C ARG A 128 -19.66 6.13 6.01
N VAL A 129 -18.92 7.24 5.93
CA VAL A 129 -17.90 7.42 4.91
C VAL A 129 -16.56 7.69 5.57
N ARG A 130 -15.49 7.07 5.04
CA ARG A 130 -14.16 7.22 5.61
C ARG A 130 -13.18 7.49 4.47
N GLU A 131 -12.70 8.73 4.37
CA GLU A 131 -11.64 9.06 3.42
C GLU A 131 -10.30 8.78 4.10
N VAL A 132 -9.47 7.91 3.53
CA VAL A 132 -8.23 7.51 4.19
C VAL A 132 -7.04 7.47 3.24
N SER A 133 -5.88 7.85 3.76
CA SER A 133 -4.60 7.70 3.09
C SER A 133 -3.84 6.50 3.66
N ILE A 134 -3.20 5.72 2.78
CA ILE A 134 -2.38 4.61 3.28
C ILE A 134 -0.93 5.00 3.51
N GLY A 135 -0.53 6.24 3.25
CA GLY A 135 0.83 6.63 3.56
C GLY A 135 1.15 7.95 2.93
N ASP A 136 2.32 8.46 3.29
CA ASP A 136 2.75 9.81 2.91
C ASP A 136 3.49 9.79 1.57
N TYR A 137 2.77 9.32 0.55
CA TYR A 137 3.27 9.24 -0.81
C TYR A 137 2.06 9.30 -1.71
N VAL A 138 2.30 9.46 -3.01
CA VAL A 138 1.22 9.62 -3.99
C VAL A 138 1.23 8.43 -4.94
N LEU A 139 0.10 7.73 -5.00
CA LEU A 139 -0.14 6.67 -5.98
C LEU A 139 -0.85 7.25 -7.19
N ASN A 140 -0.91 6.46 -8.28
CA ASN A 140 -1.70 6.91 -9.43
C ASN A 140 -3.19 6.58 -9.30
N GLY A 141 -3.53 5.61 -8.46
CA GLY A 141 -4.92 5.20 -8.34
C GLY A 141 -5.17 4.52 -7.02
N GLY A 142 -6.46 4.36 -6.70
CA GLY A 142 -6.77 3.77 -5.43
C GLY A 142 -6.72 2.27 -5.37
N GLU A 143 -6.45 1.57 -6.48
CA GLU A 143 -6.48 0.11 -6.46
C GLU A 143 -5.40 -0.46 -5.55
N ALA A 144 -4.18 0.05 -5.64
CA ALA A 144 -3.14 -0.45 -4.74
C ALA A 144 -3.48 -0.17 -3.29
N ALA A 145 -4.13 0.97 -3.03
CA ALA A 145 -4.60 1.27 -1.67
C ALA A 145 -5.66 0.28 -1.23
N ALA A 146 -6.58 -0.07 -2.13
CA ALA A 146 -7.58 -1.08 -1.81
C ALA A 146 -6.93 -2.40 -1.48
N LEU A 147 -5.88 -2.79 -2.22
CA LEU A 147 -5.21 -4.06 -1.91
C LEU A 147 -4.60 -4.05 -0.52
N VAL A 148 -3.98 -2.93 -0.15
CA VAL A 148 -3.38 -2.81 1.17
C VAL A 148 -4.46 -2.87 2.25
N ILE A 149 -5.55 -2.13 2.06
CA ILE A 149 -6.62 -2.11 3.05
C ILE A 149 -7.25 -3.48 3.20
N ILE A 150 -7.52 -4.17 2.08
CA ILE A 150 -8.14 -5.49 2.16
C ILE A 150 -7.23 -6.46 2.90
N GLU A 151 -5.95 -6.45 2.57
CA GLU A 151 -5.03 -7.37 3.24
C GLU A 151 -4.95 -7.07 4.73
N ALA A 152 -4.80 -5.80 5.08
CA ALA A 152 -4.61 -5.46 6.49
C ALA A 152 -5.86 -5.77 7.32
N VAL A 153 -7.05 -5.59 6.73
CA VAL A 153 -8.29 -5.87 7.43
C VAL A 153 -8.54 -7.37 7.52
N LEU A 154 -8.40 -8.08 6.39
CA LEU A 154 -8.81 -9.48 6.37
C LEU A 154 -7.85 -10.40 7.12
N ARG A 155 -6.59 -9.99 7.31
CA ARG A 155 -5.73 -10.81 8.16
C ARG A 155 -6.11 -10.72 9.63
N LEU A 156 -7.00 -9.81 10.01
CA LEU A 156 -7.51 -9.71 11.37
C LEU A 156 -8.84 -10.43 11.55
N VAL A 157 -9.44 -10.94 10.49
CA VAL A 157 -10.69 -11.70 10.57
C VAL A 157 -10.32 -13.16 10.72
N PRO A 158 -10.72 -13.83 11.81
CA PRO A 158 -10.25 -15.20 12.04
C PRO A 158 -10.62 -16.11 10.88
N GLY A 159 -9.62 -16.85 10.40
CA GLY A 159 -9.83 -17.85 9.37
C GLY A 159 -9.83 -17.36 7.94
N VAL A 160 -9.51 -16.09 7.70
CA VAL A 160 -9.47 -15.60 6.32
C VAL A 160 -8.01 -15.52 5.87
N LEU A 161 -7.31 -14.46 6.22
CA LEU A 161 -5.88 -14.38 5.87
C LEU A 161 -4.98 -14.44 7.11
N SER A 178 4.52 1.70 21.47
CA SER A 178 4.82 1.27 20.11
C SER A 178 6.32 1.13 19.88
N LEU A 179 6.79 -0.10 19.73
CA LEU A 179 8.18 -0.39 19.42
C LEU A 179 8.23 -1.28 18.19
N LEU A 180 9.28 -1.09 17.40
CA LEU A 180 9.49 -1.91 16.21
C LEU A 180 9.99 -3.29 16.61
N GLU A 181 9.61 -4.30 15.81
CA GLU A 181 10.16 -5.64 16.01
C GLU A 181 11.62 -5.67 15.62
N GLY A 182 12.43 -6.38 16.39
CA GLY A 182 13.84 -6.50 16.12
C GLY A 182 14.13 -7.59 15.10
N PRO A 183 15.42 -7.86 14.87
CA PRO A 183 15.80 -8.85 13.85
C PRO A 183 15.40 -10.27 14.24
N SER A 184 15.21 -11.09 13.23
CA SER A 184 14.90 -12.50 13.44
C SER A 184 15.89 -13.35 12.66
N TYR A 185 16.05 -14.61 13.11
CA TYR A 185 17.08 -15.49 12.59
C TYR A 185 16.58 -16.92 12.55
N THR A 186 17.10 -17.70 11.61
CA THR A 186 16.89 -19.15 11.60
C THR A 186 18.18 -19.83 11.14
N ARG A 187 18.10 -21.13 10.87
CA ARG A 187 19.30 -21.90 10.49
C ARG A 187 19.82 -21.45 9.11
N PRO A 188 21.14 -21.53 8.85
CA PRO A 188 22.11 -22.10 9.79
C PRO A 188 22.68 -21.14 10.84
N PRO A 189 23.30 -21.61 11.93
CA PRO A 189 23.76 -20.67 12.97
C PRO A 189 24.87 -19.75 12.50
N SER A 190 25.65 -20.15 11.50
CA SER A 190 26.65 -19.27 10.90
C SER A 190 26.42 -19.28 9.39
N TRP A 191 26.41 -18.09 8.79
CA TRP A 191 26.10 -17.98 7.36
C TRP A 191 26.84 -16.77 6.81
N ARG A 192 27.67 -17.00 5.79
CA ARG A 192 28.47 -15.94 5.17
C ARG A 192 29.20 -15.08 6.20
N GLY A 193 29.78 -15.75 7.21
CA GLY A 193 30.54 -15.05 8.23
C GLY A 193 29.73 -14.39 9.32
N MET A 194 28.41 -14.57 9.32
CA MET A 194 27.55 -13.85 10.25
C MET A 194 26.88 -14.87 11.15
N ASP A 195 27.12 -14.76 12.46
CA ASP A 195 26.57 -15.71 13.42
C ASP A 195 25.24 -15.22 13.96
N VAL A 196 24.33 -16.16 14.21
CA VAL A 196 23.13 -15.79 14.98
C VAL A 196 23.58 -15.36 16.37
N PRO A 197 23.04 -14.27 16.92
CA PRO A 197 23.43 -13.86 18.28
C PRO A 197 23.33 -15.01 19.26
N PRO A 198 24.42 -15.32 19.96
CA PRO A 198 24.44 -16.54 20.79
C PRO A 198 23.40 -16.56 21.88
N VAL A 199 22.99 -15.40 22.40
CA VAL A 199 21.93 -15.37 23.42
C VAL A 199 20.70 -16.14 22.97
N LEU A 200 20.40 -16.12 21.67
CA LEU A 200 19.18 -16.77 21.21
C LEU A 200 19.26 -18.28 21.33
N LEU A 201 20.46 -18.83 21.43
CA LEU A 201 20.64 -20.28 21.52
C LEU A 201 20.91 -20.70 22.95
N SER A 202 20.81 -19.77 23.91
CA SER A 202 21.30 -19.94 25.27
C SER A 202 20.36 -20.72 26.18
N GLY A 203 19.07 -20.81 25.84
CA GLY A 203 18.12 -21.38 26.77
C GLY A 203 17.86 -20.56 28.01
N ASP A 204 18.22 -19.28 28.01
CA ASP A 204 17.93 -18.37 29.11
C ASP A 204 16.83 -17.46 28.59
N HIS A 205 15.58 -17.87 28.78
CA HIS A 205 14.50 -17.21 28.05
C HIS A 205 14.16 -15.83 28.62
N ALA A 206 14.43 -15.59 29.90
CA ALA A 206 14.28 -14.22 30.41
C ALA A 206 15.31 -13.29 29.80
N LYS A 207 16.55 -13.77 29.67
CA LYS A 207 17.59 -12.95 29.04
C LYS A 207 17.28 -12.71 27.56
N ILE A 208 16.80 -13.74 26.86
CA ILE A 208 16.41 -13.55 25.46
C ILE A 208 15.37 -12.45 25.33
N ALA A 209 14.37 -12.45 26.21
CA ALA A 209 13.33 -11.42 26.14
C ALA A 209 13.91 -10.03 26.36
N ALA A 210 14.83 -9.88 27.33
CA ALA A 210 15.48 -8.60 27.55
C ALA A 210 16.33 -8.19 26.37
N TRP A 211 17.04 -9.15 25.75
CA TRP A 211 17.82 -8.85 24.57
C TRP A 211 16.94 -8.35 23.43
N ARG A 212 15.80 -9.02 23.20
CA ARG A 212 14.89 -8.59 22.14
C ARG A 212 14.32 -7.21 22.42
N ALA A 213 14.04 -6.91 23.70
CA ALA A 213 13.53 -5.58 24.05
C ALA A 213 14.56 -4.50 23.73
N GLU A 214 15.84 -4.73 24.04
CA GLU A 214 16.86 -3.76 23.71
C GLU A 214 17.04 -3.62 22.21
N GLN A 215 16.96 -4.74 21.47
CA GLN A 215 17.08 -4.65 20.01
C GLN A 215 15.96 -3.81 19.43
N SER A 216 14.75 -4.00 19.95
CA SER A 216 13.60 -3.20 19.51
C SER A 216 13.80 -1.73 19.86
N ARG A 217 14.29 -1.44 21.06
CA ARG A 217 14.56 -0.05 21.43
C ARG A 217 15.54 0.59 20.46
N GLN A 218 16.65 -0.11 20.16
CA GLN A 218 17.65 0.50 19.29
C GLN A 218 17.11 0.70 17.89
N ARG A 219 16.36 -0.29 17.38
CA ARG A 219 15.82 -0.18 16.04
C ARG A 219 14.83 0.98 15.93
N THR A 220 13.98 1.14 16.96
CA THR A 220 13.00 2.22 16.95
C THR A 220 13.67 3.59 16.99
N ILE A 221 14.71 3.74 17.81
CA ILE A 221 15.47 5.01 17.83
C ILE A 221 16.06 5.31 16.46
N GLU A 222 16.64 4.31 15.82
CA GLU A 222 17.31 4.51 14.54
C GLU A 222 16.32 4.81 13.42
N ARG A 223 15.21 4.07 13.36
CA ARG A 223 14.35 4.10 12.19
C ARG A 223 13.07 4.89 12.37
N ARG A 224 12.56 4.99 13.59
CA ARG A 224 11.26 5.60 13.86
C ARG A 224 11.32 6.40 15.15
N PRO A 225 12.19 7.41 15.22
CA PRO A 225 12.31 8.17 16.48
C PRO A 225 11.01 8.86 16.84
N ASP A 226 10.12 9.09 15.87
CA ASP A 226 8.81 9.67 16.16
C ASP A 226 8.03 8.81 17.15
N LEU A 227 8.26 7.49 17.15
CA LEU A 227 7.54 6.63 18.08
C LEU A 227 8.09 6.74 19.50
N LEU A 228 9.20 7.43 19.69
CA LEU A 228 9.87 7.60 21.02
C LEU A 228 10.18 6.23 21.63
N SER B 1 15.98 4.50 -18.65
CA SER B 1 15.32 3.22 -18.39
C SER B 1 15.69 2.69 -17.01
N MET B 2 14.75 1.97 -16.40
CA MET B 2 14.92 1.40 -15.07
C MET B 2 14.55 -0.07 -15.13
N LYS B 3 15.28 -0.90 -14.41
CA LYS B 3 14.95 -2.30 -14.24
C LYS B 3 14.47 -2.49 -12.81
N ILE B 4 13.32 -3.15 -12.65
CA ILE B 4 12.84 -3.54 -11.33
C ILE B 4 12.65 -5.05 -11.32
N ASP B 5 13.35 -5.72 -10.41
CA ASP B 5 13.15 -7.15 -10.18
C ASP B 5 12.44 -7.33 -8.86
N VAL B 6 11.37 -8.13 -8.84
CA VAL B 6 10.63 -8.44 -7.62
C VAL B 6 10.79 -9.93 -7.35
N VAL B 7 11.22 -10.27 -6.13
CA VAL B 7 11.43 -11.66 -5.74
C VAL B 7 10.39 -12.02 -4.68
N THR B 8 9.68 -13.13 -4.90
CA THR B 8 8.48 -13.44 -4.11
C THR B 8 8.20 -14.94 -4.22
N ILE B 9 7.58 -15.50 -3.17
CA ILE B 9 7.06 -16.86 -3.29
C ILE B 9 5.66 -16.90 -3.89
N PHE B 10 5.08 -15.73 -4.20
CA PHE B 10 3.76 -15.62 -4.83
C PHE B 10 3.84 -14.72 -6.04
N PRO B 11 4.53 -15.17 -7.10
CA PRO B 11 4.68 -14.29 -8.29
C PRO B 11 3.36 -13.92 -8.93
N GLU B 12 2.32 -14.74 -8.80
CA GLU B 12 1.03 -14.38 -9.38
C GLU B 12 0.44 -13.14 -8.72
N TYR B 13 0.75 -12.88 -7.45
N TYR B 13 0.76 -12.89 -7.45
CA TYR B 13 0.22 -11.70 -6.78
CA TYR B 13 0.24 -11.71 -6.75
C TYR B 13 0.74 -10.40 -7.38
C TYR B 13 0.75 -10.41 -7.37
N LEU B 14 1.81 -10.46 -8.19
CA LEU B 14 2.37 -9.27 -8.80
C LEU B 14 1.78 -8.98 -10.17
N GLN B 15 0.86 -9.81 -10.65
CA GLN B 15 0.23 -9.54 -11.94
C GLN B 15 -0.38 -8.13 -12.05
N PRO B 16 -0.85 -7.48 -10.98
CA PRO B 16 -1.37 -6.11 -11.14
C PRO B 16 -0.33 -5.09 -11.58
N VAL B 17 0.98 -5.41 -11.61
CA VAL B 17 1.93 -4.43 -12.14
C VAL B 17 1.65 -4.16 -13.61
N ARG B 18 0.92 -5.06 -14.26
CA ARG B 18 0.71 -4.93 -15.72
C ARG B 18 -0.51 -4.03 -15.97
N GLN B 19 -1.05 -3.45 -14.91
CA GLN B 19 -2.28 -2.65 -15.06
C GLN B 19 -1.96 -1.16 -14.99
N SER B 20 -2.77 -0.33 -15.66
CA SER B 20 -2.64 1.15 -15.62
C SER B 20 -1.25 1.69 -15.98
N LEU B 21 -0.82 2.74 -15.29
CA LEU B 21 0.43 3.44 -15.62
C LEU B 21 1.66 2.56 -15.43
N PRO B 22 1.78 1.76 -14.35
CA PRO B 22 2.89 0.81 -14.26
C PRO B 22 2.88 -0.03 -15.55
N GLY B 23 1.72 -0.54 -15.95
CA GLY B 23 1.61 -1.31 -17.21
C GLY B 23 2.00 -0.47 -18.40
N LYS B 24 1.58 0.79 -18.43
CA LYS B 24 1.87 1.64 -19.57
C LYS B 24 3.35 1.99 -19.64
N ALA B 25 3.94 2.40 -18.49
CA ALA B 25 5.37 2.66 -18.46
C ALA B 25 6.18 1.41 -18.80
N ILE B 26 5.67 0.23 -18.45
CA ILE B 26 6.25 -1.01 -18.95
C ILE B 26 6.12 -1.08 -20.47
N ASP B 27 4.90 -0.86 -20.97
CA ASP B 27 4.67 -0.93 -22.41
C ASP B 27 5.45 0.16 -23.14
N ALA B 28 5.55 1.35 -22.54
CA ALA B 28 6.33 2.44 -23.13
C ALA B 28 7.84 2.20 -23.04
N GLY B 29 8.28 1.10 -22.44
CA GLY B 29 9.70 0.77 -22.42
C GLY B 29 10.54 1.63 -21.51
N LEU B 30 9.93 2.46 -20.65
CA LEU B 30 10.72 3.25 -19.72
C LEU B 30 11.20 2.42 -18.54
N VAL B 31 10.46 1.36 -18.21
CA VAL B 31 10.78 0.50 -17.09
C VAL B 31 10.48 -0.94 -17.47
N ASP B 32 11.38 -1.85 -17.12
CA ASP B 32 11.15 -3.28 -17.27
C ASP B 32 10.97 -3.86 -15.87
N VAL B 33 9.84 -4.53 -15.64
CA VAL B 33 9.56 -5.17 -14.36
C VAL B 33 9.59 -6.67 -14.58
N ALA B 34 10.46 -7.36 -13.84
CA ALA B 34 10.55 -8.81 -13.87
C ALA B 34 10.21 -9.37 -12.49
N VAL B 35 9.43 -10.45 -12.47
CA VAL B 35 8.99 -11.07 -11.23
C VAL B 35 9.60 -12.47 -11.17
N HIS B 36 10.22 -12.80 -10.04
CA HIS B 36 10.95 -14.05 -9.86
C HIS B 36 10.37 -14.85 -8.71
N ASP B 37 10.17 -16.14 -8.94
CA ASP B 37 9.75 -17.07 -7.91
C ASP B 37 10.96 -17.48 -7.09
N LEU B 38 10.97 -17.09 -5.81
CA LEU B 38 12.08 -17.42 -4.92
C LEU B 38 12.39 -18.92 -4.89
N ARG B 39 11.37 -19.76 -5.09
CA ARG B 39 11.58 -21.20 -4.98
C ARG B 39 12.48 -21.75 -6.09
N ARG B 40 12.75 -20.94 -7.12
CA ARG B 40 13.70 -21.36 -8.15
C ARG B 40 15.11 -21.57 -7.61
N TRP B 41 15.45 -20.97 -6.47
CA TRP B 41 16.77 -21.11 -5.90
C TRP B 41 16.83 -22.15 -4.79
N THR B 42 15.76 -22.90 -4.59
CA THR B 42 15.82 -24.03 -3.66
C THR B 42 16.39 -25.25 -4.37
N HIS B 43 16.82 -26.22 -3.56
CA HIS B 43 17.39 -27.46 -4.08
C HIS B 43 16.73 -28.73 -3.54
N ASP B 44 16.01 -28.63 -2.42
CA ASP B 44 15.28 -29.80 -1.89
C ASP B 44 13.98 -29.97 -2.67
N VAL B 45 13.36 -31.15 -2.59
CA VAL B 45 12.13 -31.40 -3.39
C VAL B 45 10.94 -30.71 -2.71
N HIS B 46 11.03 -30.47 -1.41
CA HIS B 46 9.95 -29.78 -0.67
C HIS B 46 10.06 -28.28 -0.92
N LYS B 47 11.14 -27.85 -1.57
CA LYS B 47 11.30 -26.46 -1.97
C LYS B 47 11.07 -25.52 -0.78
N SER B 48 11.72 -25.84 0.33
CA SER B 48 11.45 -25.16 1.60
C SER B 48 12.12 -23.79 1.61
N VAL B 49 11.37 -22.76 1.99
CA VAL B 49 11.90 -21.41 2.06
C VAL B 49 11.91 -20.85 3.48
N ASP B 50 11.39 -21.60 4.45
CA ASP B 50 11.20 -21.08 5.80
C ASP B 50 11.60 -22.13 6.82
N ASP B 51 11.86 -21.66 8.05
CA ASP B 51 12.31 -22.57 9.10
C ASP B 51 11.96 -21.85 10.40
N SER B 52 11.90 -22.58 11.50
CA SER B 52 11.45 -21.98 12.75
C SER B 52 12.49 -20.99 13.30
N PRO B 53 12.07 -19.99 14.07
CA PRO B 53 13.03 -18.98 14.55
C PRO B 53 13.97 -19.51 15.62
N TYR B 54 15.17 -18.94 15.65
CA TYR B 54 16.02 -19.06 16.83
C TYR B 54 15.50 -18.17 17.95
N GLY B 55 15.60 -18.69 19.17
CA GLY B 55 15.22 -17.94 20.35
C GLY B 55 13.76 -17.99 20.70
N GLY B 56 12.96 -18.68 19.92
CA GLY B 56 11.56 -18.83 20.22
C GLY B 56 10.72 -17.77 19.54
N GLY B 57 9.42 -17.93 19.71
CA GLY B 57 8.47 -17.05 19.10
C GLY B 57 7.58 -17.82 18.15
N PRO B 58 6.43 -17.26 17.83
CA PRO B 58 5.54 -17.89 16.86
C PRO B 58 6.02 -17.67 15.44
N GLY B 59 5.54 -18.51 14.56
CA GLY B 59 5.76 -18.32 13.14
C GLY B 59 7.03 -18.95 12.62
N MET B 60 7.38 -18.50 11.42
CA MET B 60 8.50 -19.02 10.66
C MET B 60 9.29 -17.84 10.14
N VAL B 61 10.57 -18.08 9.86
CA VAL B 61 11.48 -17.07 9.32
C VAL B 61 11.96 -17.55 7.98
N MET B 62 12.06 -16.65 7.00
CA MET B 62 12.53 -17.06 5.69
C MET B 62 14.03 -17.33 5.76
N LYS B 63 14.44 -18.47 5.21
CA LYS B 63 15.83 -18.95 5.31
C LYS B 63 16.81 -18.03 4.57
N PRO B 64 17.99 -17.77 5.14
CA PRO B 64 18.96 -16.90 4.45
C PRO B 64 19.60 -17.56 3.23
N THR B 65 19.82 -18.87 3.24
CA THR B 65 20.54 -19.50 2.13
C THR B 65 19.83 -19.28 0.81
N VAL B 66 18.51 -19.49 0.78
CA VAL B 66 17.77 -19.38 -0.48
C VAL B 66 17.79 -17.92 -0.96
N TRP B 67 17.54 -16.98 -0.05
CA TRP B 67 17.56 -15.57 -0.42
C TRP B 67 18.95 -15.15 -0.90
N GLY B 68 20.00 -15.60 -0.22
CA GLY B 68 21.35 -15.22 -0.63
C GLY B 68 21.65 -15.67 -2.04
N ASP B 69 21.24 -16.89 -2.39
CA ASP B 69 21.47 -17.39 -3.75
C ASP B 69 20.67 -16.58 -4.77
N ALA B 70 19.41 -16.24 -4.45
CA ALA B 70 18.61 -15.46 -5.38
C ALA B 70 19.21 -14.09 -5.59
N LEU B 71 19.59 -13.40 -4.51
CA LEU B 71 20.11 -12.06 -4.66
C LEU B 71 21.49 -12.07 -5.28
N ASP B 72 22.26 -13.15 -5.10
CA ASP B 72 23.54 -13.26 -5.80
C ASP B 72 23.33 -13.18 -7.31
N GLU B 73 22.27 -13.82 -7.80
CA GLU B 73 22.05 -13.88 -9.24
C GLU B 73 21.45 -12.60 -9.78
N ILE B 74 20.57 -11.98 -9.01
CA ILE B 74 19.79 -10.85 -9.52
C ILE B 74 20.49 -9.51 -9.29
N CYS B 75 21.24 -9.38 -8.19
CA CYS B 75 21.78 -8.08 -7.82
C CYS B 75 23.21 -7.89 -8.33
N THR B 76 23.57 -6.63 -8.53
CA THR B 76 24.95 -6.20 -8.71
C THR B 76 25.28 -5.13 -7.66
N SER B 77 26.53 -4.64 -7.71
CA SER B 77 26.95 -3.60 -6.77
C SER B 77 26.20 -2.29 -6.99
N GLU B 78 25.58 -2.10 -8.15
CA GLU B 78 24.83 -0.88 -8.43
C GLU B 78 23.37 -0.99 -8.00
N THR B 79 22.94 -2.18 -7.57
CA THR B 79 21.55 -2.40 -7.22
C THR B 79 21.18 -1.65 -5.96
N LEU B 80 19.95 -1.12 -5.93
CA LEU B 80 19.34 -0.65 -4.69
C LEU B 80 18.38 -1.74 -4.25
N LEU B 81 18.71 -2.42 -3.16
CA LEU B 81 17.90 -3.52 -2.66
C LEU B 81 16.86 -2.98 -1.68
N VAL B 82 15.58 -3.17 -2.03
CA VAL B 82 14.45 -2.69 -1.23
C VAL B 82 13.87 -3.88 -0.48
N VAL B 83 13.80 -3.78 0.85
CA VAL B 83 13.27 -4.83 1.70
C VAL B 83 12.08 -4.29 2.46
N PRO B 84 10.86 -4.56 2.00
CA PRO B 84 9.68 -4.13 2.75
C PRO B 84 9.63 -4.81 4.10
N THR B 85 9.32 -4.01 5.14
CA THR B 85 9.17 -4.56 6.49
C THR B 85 8.44 -3.55 7.35
N PRO B 86 7.47 -3.98 8.17
CA PRO B 86 6.80 -3.02 9.05
C PRO B 86 7.75 -2.39 10.03
N ALA B 87 8.94 -2.98 10.22
CA ALA B 87 9.95 -2.43 11.09
C ALA B 87 10.96 -1.56 10.34
N GLY B 88 10.63 -1.12 9.11
CA GLY B 88 11.58 -0.38 8.31
C GLY B 88 11.54 1.13 8.55
N TYR B 89 12.48 1.81 7.92
CA TYR B 89 12.38 3.26 7.82
C TYR B 89 11.12 3.60 7.02
N PRO B 90 10.48 4.73 7.26
CA PRO B 90 9.30 5.09 6.47
C PRO B 90 9.61 5.30 5.00
N PHE B 91 8.80 4.67 4.14
CA PHE B 91 8.79 5.02 2.71
C PHE B 91 7.88 6.21 2.51
N THR B 92 8.42 7.29 1.95
CA THR B 92 7.69 8.55 1.76
C THR B 92 7.86 9.04 0.33
N GLN B 93 7.17 10.15 0.02
CA GLN B 93 7.31 10.74 -1.30
C GLN B 93 8.75 11.11 -1.59
N GLU B 94 9.48 11.56 -0.57
CA GLU B 94 10.89 11.85 -0.77
C GLU B 94 11.65 10.60 -1.20
N THR B 95 11.37 9.46 -0.56
CA THR B 95 11.99 8.21 -1.00
C THR B 95 11.65 7.91 -2.45
N ALA B 96 10.39 8.13 -2.83
CA ALA B 96 9.98 7.82 -4.19
C ALA B 96 10.74 8.68 -5.19
N TRP B 97 10.91 9.96 -4.88
CA TRP B 97 11.72 10.85 -5.74
C TRP B 97 13.15 10.34 -5.85
N GLN B 98 13.72 9.91 -4.73
CA GLN B 98 15.09 9.42 -4.76
C GLN B 98 15.21 8.16 -5.60
N TRP B 99 14.28 7.22 -5.44
CA TRP B 99 14.40 5.97 -6.17
C TRP B 99 14.03 6.12 -7.65
N SER B 100 13.34 7.19 -8.00
CA SER B 100 12.92 7.39 -9.40
C SER B 100 14.12 7.59 -10.32
N THR B 101 15.29 7.90 -9.77
CA THR B 101 16.51 8.09 -10.55
C THR B 101 17.41 6.86 -10.58
N GLU B 102 16.99 5.75 -9.97
CA GLU B 102 17.83 4.57 -9.87
C GLU B 102 17.78 3.73 -11.14
N ASP B 103 18.91 3.10 -11.48
CA ASP B 103 18.94 2.20 -12.64
C ASP B 103 18.33 0.83 -12.35
N HIS B 104 18.44 0.35 -11.11
CA HIS B 104 18.07 -1.04 -10.80
C HIS B 104 17.53 -1.11 -9.37
N LEU B 105 16.25 -1.41 -9.24
CA LEU B 105 15.64 -1.71 -7.96
C LEU B 105 15.35 -3.20 -7.90
N VAL B 106 15.69 -3.84 -6.78
CA VAL B 106 15.30 -5.22 -6.50
C VAL B 106 14.47 -5.19 -5.23
N ILE B 107 13.26 -5.74 -5.29
CA ILE B 107 12.36 -5.73 -4.13
C ILE B 107 12.24 -7.15 -3.61
N ALA B 108 12.71 -7.38 -2.38
CA ALA B 108 12.70 -8.70 -1.74
C ALA B 108 11.46 -8.81 -0.87
N CYS B 109 10.45 -9.53 -1.35
CA CYS B 109 9.16 -9.60 -0.66
C CYS B 109 9.18 -10.68 0.39
N GLY B 110 8.97 -10.30 1.65
CA GLY B 110 8.88 -11.29 2.70
C GLY B 110 7.49 -11.83 2.90
N ARG B 111 7.46 -13.00 3.55
CA ARG B 111 6.25 -13.66 4.01
C ARG B 111 6.58 -14.23 5.39
N TYR B 112 5.63 -14.95 5.98
CA TYR B 112 5.80 -15.45 7.35
C TYR B 112 6.18 -14.30 8.29
N GLU B 113 7.14 -14.50 9.17
CA GLU B 113 7.56 -13.42 10.06
C GLU B 113 8.64 -12.54 9.45
N GLY B 114 9.00 -12.76 8.20
CA GLY B 114 10.00 -11.95 7.54
C GLY B 114 11.24 -12.74 7.22
N ILE B 115 12.26 -12.04 6.73
CA ILE B 115 13.50 -12.62 6.21
C ILE B 115 14.58 -12.54 7.28
N ASP B 116 15.33 -13.63 7.47
CA ASP B 116 16.49 -13.65 8.36
C ASP B 116 17.33 -12.39 8.15
N GLN B 117 17.64 -11.72 9.26
CA GLN B 117 18.28 -10.39 9.18
C GLN B 117 19.60 -10.42 8.41
N ARG B 118 20.28 -11.57 8.39
CA ARG B 118 21.58 -11.64 7.73
C ARG B 118 21.49 -11.49 6.21
N VAL B 119 20.30 -11.68 5.63
CA VAL B 119 20.18 -11.48 4.19
C VAL B 119 20.43 -10.02 3.85
N ALA B 120 19.74 -9.11 4.55
CA ALA B 120 19.99 -7.69 4.35
C ALA B 120 21.41 -7.31 4.75
N ASP B 121 21.90 -7.85 5.88
CA ASP B 121 23.26 -7.50 6.31
C ASP B 121 24.30 -7.94 5.29
N ASP B 122 24.18 -9.16 4.78
CA ASP B 122 25.13 -9.64 3.76
C ASP B 122 25.05 -8.80 2.51
N ALA B 123 23.84 -8.50 2.05
CA ALA B 123 23.70 -7.72 0.83
C ALA B 123 24.32 -6.35 1.00
N ALA B 124 24.25 -5.78 2.20
CA ALA B 124 24.77 -4.44 2.42
C ALA B 124 26.30 -4.38 2.35
N THR B 125 26.99 -5.51 2.39
CA THR B 125 28.43 -5.49 2.16
C THR B 125 28.79 -5.34 0.68
N ARG B 126 27.83 -5.49 -0.22
CA ARG B 126 28.07 -5.38 -1.66
C ARG B 126 27.28 -4.28 -2.34
N MET B 127 26.17 -3.83 -1.74
CA MET B 127 25.23 -2.96 -2.42
C MET B 127 24.48 -2.13 -1.38
N ARG B 128 23.75 -1.13 -1.87
CA ARG B 128 22.91 -0.33 -0.98
C ARG B 128 21.60 -1.06 -0.69
N VAL B 129 21.20 -1.03 0.59
CA VAL B 129 20.03 -1.78 1.06
C VAL B 129 19.13 -0.82 1.84
N ARG B 130 17.82 -0.88 1.57
N ARG B 130 17.84 -0.93 1.57
CA ARG B 130 16.86 -0.03 2.24
CA ARG B 130 16.86 -0.05 2.23
C ARG B 130 15.70 -0.88 2.78
C ARG B 130 15.69 -0.86 2.78
N GLU B 131 15.62 -1.00 4.09
CA GLU B 131 14.46 -1.63 4.73
C GLU B 131 13.42 -0.56 4.97
N VAL B 132 12.21 -0.75 4.41
CA VAL B 132 11.20 0.32 4.43
C VAL B 132 9.83 -0.21 4.79
N SER B 133 9.10 0.59 5.56
CA SER B 133 7.69 0.38 5.86
C SER B 133 6.86 1.28 4.97
N ILE B 134 5.76 0.76 4.42
CA ILE B 134 4.87 1.63 3.65
C ILE B 134 3.77 2.26 4.50
N GLY B 135 3.70 1.95 5.80
CA GLY B 135 2.71 2.59 6.65
C GLY B 135 2.53 1.84 7.95
N ASP B 136 1.78 2.47 8.85
CA ASP B 136 1.64 1.99 10.23
C ASP B 136 0.50 0.99 10.34
N TYR B 137 0.65 -0.12 9.63
CA TYR B 137 -0.29 -1.23 9.63
C TYR B 137 0.51 -2.46 9.24
N VAL B 138 -0.10 -3.64 9.37
CA VAL B 138 0.59 -4.89 9.11
C VAL B 138 -0.06 -5.62 7.94
N LEU B 139 0.74 -5.92 6.94
CA LEU B 139 0.37 -6.75 5.80
C LEU B 139 0.76 -8.20 6.09
N ASN B 140 0.17 -9.12 5.31
CA ASN B 140 0.64 -10.50 5.39
C ASN B 140 1.94 -10.70 4.63
N GLY B 141 2.20 -9.88 3.61
CA GLY B 141 3.36 -10.11 2.77
C GLY B 141 3.86 -8.82 2.13
N GLY B 142 5.08 -8.89 1.62
CA GLY B 142 5.73 -7.77 0.94
C GLY B 142 5.20 -7.47 -0.45
N GLU B 143 4.36 -8.35 -1.01
CA GLU B 143 3.91 -8.17 -2.40
C GLU B 143 3.06 -6.92 -2.57
N ALA B 144 2.11 -6.66 -1.66
CA ALA B 144 1.33 -5.42 -1.78
C ALA B 144 2.24 -4.20 -1.60
N ALA B 145 3.22 -4.30 -0.70
CA ALA B 145 4.17 -3.20 -0.52
C ALA B 145 4.95 -2.95 -1.80
N ALA B 146 5.37 -4.02 -2.48
CA ALA B 146 6.06 -3.89 -3.75
C ALA B 146 5.20 -3.13 -4.75
N LEU B 147 3.92 -3.46 -4.83
CA LEU B 147 3.04 -2.77 -5.79
C LEU B 147 2.91 -1.29 -5.46
N VAL B 148 2.78 -0.95 -4.18
CA VAL B 148 2.70 0.45 -3.76
C VAL B 148 3.97 1.19 -4.13
N ILE B 149 5.12 0.59 -3.82
CA ILE B 149 6.40 1.27 -4.06
C ILE B 149 6.61 1.48 -5.56
N ILE B 150 6.36 0.43 -6.35
CA ILE B 150 6.51 0.54 -7.80
C ILE B 150 5.62 1.65 -8.35
N GLU B 151 4.36 1.69 -7.93
CA GLU B 151 3.45 2.72 -8.42
C GLU B 151 3.97 4.11 -8.07
N ALA B 152 4.38 4.30 -6.82
CA ALA B 152 4.76 5.64 -6.39
C ALA B 152 6.04 6.10 -7.09
N VAL B 153 6.95 5.17 -7.35
CA VAL B 153 8.20 5.51 -8.03
C VAL B 153 7.96 5.77 -9.51
N LEU B 154 7.19 4.89 -10.16
CA LEU B 154 7.11 4.96 -11.61
C LEU B 154 6.41 6.21 -12.09
N ARG B 155 5.54 6.81 -11.27
CA ARG B 155 4.91 8.02 -11.76
C ARG B 155 5.85 9.22 -11.70
N LEU B 156 7.04 9.05 -11.17
CA LEU B 156 8.02 10.13 -11.07
C LEU B 156 9.18 9.98 -12.04
N VAL B 157 9.32 8.85 -12.71
CA VAL B 157 10.51 8.66 -13.54
C VAL B 157 10.50 9.66 -14.68
N PRO B 158 11.64 10.22 -15.07
CA PRO B 158 11.64 11.16 -16.19
C PRO B 158 11.20 10.43 -17.45
N GLY B 159 10.24 11.02 -18.16
CA GLY B 159 9.61 10.36 -19.29
C GLY B 159 8.15 10.08 -19.08
N VAL B 160 7.68 10.08 -17.83
CA VAL B 160 6.25 10.13 -17.56
C VAL B 160 5.90 11.56 -17.19
N LEU B 161 6.85 12.28 -16.59
CA LEU B 161 6.62 13.64 -16.13
C LEU B 161 6.73 14.64 -17.28
N SER B 178 3.97 17.84 2.79
CA SER B 178 3.71 19.28 2.64
C SER B 178 2.29 19.62 3.08
N LEU B 179 1.34 19.61 2.13
CA LEU B 179 -0.04 19.98 2.41
C LEU B 179 -0.99 19.05 1.65
N LEU B 180 -2.18 18.85 2.20
CA LEU B 180 -3.22 18.03 1.59
C LEU B 180 -4.00 18.82 0.55
N GLU B 181 -4.35 18.16 -0.55
CA GLU B 181 -5.20 18.82 -1.54
C GLU B 181 -6.64 18.90 -1.04
N GLY B 182 -7.29 20.03 -1.31
CA GLY B 182 -8.68 20.18 -0.97
C GLY B 182 -9.58 19.49 -1.99
N PRO B 183 -10.89 19.71 -1.86
CA PRO B 183 -11.84 19.00 -2.73
C PRO B 183 -11.82 19.48 -4.17
N SER B 184 -12.23 18.56 -5.07
CA SER B 184 -12.35 18.79 -6.50
C SER B 184 -13.79 18.55 -6.94
N TYR B 185 -14.18 19.19 -8.05
CA TYR B 185 -15.55 19.11 -8.56
C TYR B 185 -15.54 19.14 -10.08
N THR B 186 -16.56 18.52 -10.67
CA THR B 186 -16.75 18.62 -12.12
C THR B 186 -18.24 18.68 -12.42
N ARG B 187 -18.59 18.66 -13.71
CA ARG B 187 -19.98 18.91 -14.09
C ARG B 187 -20.89 17.76 -13.63
N PRO B 188 -22.18 18.05 -13.37
CA PRO B 188 -22.89 19.33 -13.50
C PRO B 188 -22.73 20.21 -12.28
N PRO B 189 -22.99 21.51 -12.42
CA PRO B 189 -22.74 22.43 -11.29
C PRO B 189 -23.70 22.27 -10.14
N SER B 190 -24.88 21.68 -10.35
CA SER B 190 -25.76 21.31 -9.26
C SER B 190 -26.10 19.85 -9.44
N TRP B 191 -25.96 19.05 -8.39
CA TRP B 191 -26.19 17.60 -8.46
C TRP B 191 -26.85 17.15 -7.18
N ARG B 192 -28.05 16.56 -7.28
CA ARG B 192 -28.81 16.13 -6.11
C ARG B 192 -29.04 17.26 -5.12
N GLY B 193 -29.11 18.48 -5.62
CA GLY B 193 -29.29 19.60 -4.72
C GLY B 193 -28.03 20.09 -4.05
N MET B 194 -26.86 19.62 -4.50
CA MET B 194 -25.58 19.97 -3.93
C MET B 194 -24.81 20.77 -4.98
N ASP B 195 -24.40 21.98 -4.63
CA ASP B 195 -23.80 22.91 -5.58
C ASP B 195 -22.29 22.87 -5.51
N VAL B 196 -21.66 22.97 -6.68
CA VAL B 196 -20.23 23.28 -6.70
C VAL B 196 -20.01 24.65 -6.05
N PRO B 197 -19.01 24.81 -5.21
CA PRO B 197 -18.76 26.12 -4.57
C PRO B 197 -18.71 27.22 -5.60
N PRO B 198 -19.52 28.27 -5.40
CA PRO B 198 -19.68 29.29 -6.46
C PRO B 198 -18.39 29.95 -6.90
N VAL B 199 -17.38 30.07 -6.03
CA VAL B 199 -16.13 30.70 -6.46
C VAL B 199 -15.50 29.92 -7.63
N LEU B 200 -15.66 28.60 -7.66
CA LEU B 200 -15.05 27.81 -8.71
C LEU B 200 -15.71 28.03 -10.06
N LEU B 201 -16.93 28.56 -10.07
CA LEU B 201 -17.68 28.88 -11.28
C LEU B 201 -17.48 30.32 -11.72
N SER B 202 -16.79 31.13 -10.92
CA SER B 202 -16.74 32.58 -11.03
C SER B 202 -15.70 33.10 -12.01
N GLY B 203 -14.77 32.26 -12.45
CA GLY B 203 -13.71 32.69 -13.36
C GLY B 203 -12.65 33.60 -12.74
N ASP B 204 -12.68 33.83 -11.44
CA ASP B 204 -11.72 34.73 -10.79
C ASP B 204 -10.53 33.90 -10.32
N HIS B 205 -9.45 33.93 -11.11
CA HIS B 205 -8.31 33.05 -10.84
C HIS B 205 -7.69 33.33 -9.48
N ALA B 206 -7.58 34.60 -9.08
CA ALA B 206 -7.00 34.89 -7.78
C ALA B 206 -7.89 34.40 -6.64
N LYS B 207 -9.20 34.59 -6.78
CA LYS B 207 -10.12 34.12 -5.74
C LYS B 207 -10.18 32.59 -5.71
N ILE B 208 -10.06 31.93 -6.85
CA ILE B 208 -10.05 30.46 -6.87
C ILE B 208 -8.79 29.92 -6.22
N ALA B 209 -7.64 30.50 -6.56
CA ALA B 209 -6.38 30.05 -5.96
C ALA B 209 -6.41 30.24 -4.44
N ALA B 210 -6.98 31.37 -3.98
CA ALA B 210 -7.04 31.63 -2.55
C ALA B 210 -7.99 30.67 -1.84
N TRP B 211 -9.09 30.31 -2.50
CA TRP B 211 -10.03 29.37 -1.91
C TRP B 211 -9.41 27.98 -1.83
N ARG B 212 -8.70 27.57 -2.88
CA ARG B 212 -8.09 26.26 -2.89
C ARG B 212 -6.99 26.16 -1.84
N ALA B 213 -6.19 27.22 -1.69
CA ALA B 213 -5.15 27.23 -0.66
C ALA B 213 -5.77 27.14 0.73
N GLU B 214 -6.88 27.85 0.96
CA GLU B 214 -7.56 27.78 2.23
C GLU B 214 -8.15 26.40 2.47
N GLN B 215 -8.79 25.81 1.46
CA GLN B 215 -9.35 24.48 1.66
C GLN B 215 -8.26 23.48 1.97
N SER B 216 -7.10 23.62 1.34
CA SER B 216 -5.98 22.72 1.59
C SER B 216 -5.49 22.83 3.03
N ARG B 217 -5.31 24.05 3.52
CA ARG B 217 -4.82 24.18 4.88
C ARG B 217 -5.87 23.77 5.90
N GLN B 218 -7.15 24.00 5.60
CA GLN B 218 -8.23 23.57 6.47
C GLN B 218 -8.33 22.04 6.52
N ARG B 219 -8.23 21.38 5.38
CA ARG B 219 -8.25 19.91 5.39
C ARG B 219 -7.04 19.35 6.12
N THR B 220 -5.91 20.03 6.02
CA THR B 220 -4.69 19.52 6.62
C THR B 220 -4.78 19.58 8.14
N ILE B 221 -5.25 20.70 8.70
CA ILE B 221 -5.37 20.79 10.15
C ILE B 221 -6.39 19.78 10.70
N GLU B 222 -7.45 19.48 9.94
CA GLU B 222 -8.45 18.54 10.40
C GLU B 222 -7.94 17.10 10.35
N ARG B 223 -7.31 16.73 9.23
CA ARG B 223 -7.01 15.32 8.98
C ARG B 223 -5.58 14.94 9.29
N ARG B 224 -4.65 15.89 9.19
CA ARG B 224 -3.21 15.61 9.32
C ARG B 224 -2.54 16.76 10.05
N PRO B 225 -2.94 17.04 11.29
CA PRO B 225 -2.34 18.18 12.01
C PRO B 225 -0.84 18.07 12.17
N ASP B 226 -0.31 16.84 12.20
CA ASP B 226 1.13 16.63 12.27
C ASP B 226 1.87 17.34 11.12
N LEU B 227 1.25 17.47 9.95
CA LEU B 227 1.95 18.08 8.82
C LEU B 227 2.18 19.57 9.04
N LEU B 228 1.41 20.21 9.91
CA LEU B 228 1.57 21.62 10.22
C LEU B 228 2.20 21.83 11.59
N GLY B 229 2.76 20.77 12.19
CA GLY B 229 3.40 20.88 13.49
C GLY B 229 2.49 20.90 14.68
N PHE B 230 1.34 20.23 14.62
CA PHE B 230 0.44 20.15 15.76
C PHE B 230 0.31 18.71 16.23
N ASP B 231 -0.15 18.54 17.47
CA ASP B 231 -0.36 17.21 18.03
C ASP B 231 -1.37 16.42 17.21
N SER B 232 -1.09 15.12 17.11
CA SER B 232 -1.99 14.20 16.38
C SER B 232 -3.10 13.76 17.34
N PRO B 233 -4.31 13.45 16.84
CA PRO B 233 -5.39 12.97 17.70
C PRO B 233 -4.94 11.75 18.52
N SAH C . -3.74 13.62 -6.13
N SAH C . -2.57 11.61 -8.37
CA SAH C . -5.05 14.01 -5.62
CA SAH C . -3.26 12.89 -8.44
CB SAH C . -6.02 12.85 -5.66
CB SAH C . -4.07 13.16 -7.19
CG SAH C . -5.75 11.89 -6.81
CG SAH C . -4.88 11.98 -6.65
SD SAH C . -4.40 10.71 -6.58
SD SAH C . -4.02 10.40 -6.87
C SAH C . -4.97 14.54 -4.19
C SAH C . -2.25 14.01 -8.67
O SAH C . -3.92 15.04 -3.76
O SAH C . -1.51 14.39 -7.77
OXT SAH C . -5.95 14.51 -3.45
OXT SAH C . -2.14 14.54 -9.78
C5' SAH C . -5.31 9.47 -7.54
C5' SAH C . -5.47 9.56 -7.57
C4' SAH C . -5.98 8.38 -6.69
C4' SAH C . -6.07 8.49 -6.67
O4' SAH C . -5.02 7.47 -6.20
O4' SAH C . -5.07 7.58 -6.20
C3' SAH C . -6.69 8.93 -5.46
C3' SAH C . -6.73 9.05 -5.41
O3' SAH C . -8.01 9.36 -5.70
O3' SAH C . -8.04 9.49 -5.63
C2' SAH C . -6.66 7.77 -4.50
C2' SAH C . -6.69 7.86 -4.49
O2' SAH C . -7.71 6.89 -4.83
O2' SAH C . -7.73 6.99 -4.82
C1' SAH C . -5.36 7.09 -4.88
C1' SAH C . -5.40 7.18 -4.88
N9 SAH C . -4.24 7.45 -3.98
N9 SAH C . -4.29 7.52 -3.98
C8 SAH C . -3.11 8.14 -4.32
C8 SAH C . -3.15 8.22 -4.29
N7 SAH C . -2.31 8.24 -3.23
N7 SAH C . -2.35 8.30 -3.20
C5 SAH C . -2.92 7.62 -2.20
C5 SAH C . -2.97 7.66 -2.18
C6 SAH C . -2.55 7.43 -0.87
C6 SAH C . -2.60 7.44 -0.85
N6 SAH C . -1.40 7.90 -0.37
N6 SAH C . -1.46 7.90 -0.34
N1 SAH C . -3.42 6.75 -0.05
N1 SAH C . -3.46 6.74 -0.05
C2 SAH C . -4.61 6.26 -0.53
C2 SAH C . -4.66 6.25 -0.55
N3 SAH C . -4.98 6.43 -1.85
N3 SAH C . -5.02 6.45 -1.87
C4 SAH C . -4.13 7.11 -2.66
C4 SAH C . -4.17 7.16 -2.66
MG MG D . -3.28 -6.38 9.76
MG MG E . 8.43 1.30 10.71
MG MG F . -8.39 11.69 -4.24
N SAH G . 6.25 -8.83 12.57
CA SAH G . 5.27 -9.09 11.52
CB SAH G . 5.79 -10.20 10.59
CG SAH G . 6.27 -9.71 9.23
SD SAH G . 4.86 -9.25 8.20
C SAH G . 3.91 -9.48 12.11
O SAH G . 3.35 -10.52 11.80
OXT SAH G . 3.35 -8.74 12.92
C5' SAH G . 5.39 -10.24 6.78
C4' SAH G . 5.89 -9.41 5.60
O4' SAH G . 4.88 -8.52 5.11
C3' SAH G . 7.08 -8.53 5.95
O3' SAH G . 8.32 -9.22 5.89
C2' SAH G . 7.01 -7.46 4.89
O2' SAH G . 7.55 -7.95 3.67
C1' SAH G . 5.53 -7.33 4.67
N9 SAH G . 4.93 -6.21 5.43
C8 SAH G . 3.98 -6.29 6.41
N7 SAH G . 3.66 -5.05 6.82
C5 SAH G . 4.41 -4.17 6.09
C6 SAH G . 4.48 -2.77 6.07
N6 SAH G . 3.77 -1.99 6.90
N1 SAH G . 5.35 -2.19 5.20
C2 SAH G . 6.14 -2.92 4.33
N3 SAH G . 6.04 -4.30 4.35
C4 SAH G . 5.18 -4.89 5.21
MG MG H . 10.52 -8.18 2.88
#